data_1YSG
#
_entry.id   1YSG
#
_cell.length_a   1.000
_cell.length_b   1.000
_cell.length_c   1.000
_cell.angle_alpha   90.00
_cell.angle_beta   90.00
_cell.angle_gamma   90.00
#
_symmetry.space_group_name_H-M   'P 1'
#
loop_
_entity.id
_entity.type
_entity.pdbx_description
1 polymer 'Apoptosis regulator Bcl-X'
2 non-polymer "4'-FLUORO-1,1'-BIPHENYL-4-CARBOXYLIC ACID"
3 non-polymer 5,6,7,8-TETRAHYDRONAPHTHALEN-1-OL
#
_entity_poly.entity_id   1
_entity_poly.type   'polypeptide(L)'
_entity_poly.pdbx_seq_one_letter_code
;MSMAMSQSNRELVVDFLSYKLSQKGYSWSQFSDVEENRTEAPEGTESEAVKQALREAGDEFELRYRRAFSDLTSQLHITP
GTAYQSFEQVVNELFRDGVNWGRIVAFFSFGGALCVESVDKEMQVLVSRIAAWMATYLNDHLEPWIQENGGWDTFVELYG
NNAAAESRKGQERLEHHHHHH
;
_entity_poly.pdbx_strand_id   A
#
# COMPACT_ATOMS: atom_id res chain seq x y z
N MET A 1 -23.47 -7.97 -11.63
CA MET A 1 -22.16 -7.58 -12.22
C MET A 1 -21.05 -7.79 -11.18
N SER A 2 -19.91 -7.19 -11.40
CA SER A 2 -18.79 -7.35 -10.44
C SER A 2 -18.61 -6.07 -9.62
N MET A 3 -19.00 -4.94 -10.19
CA MET A 3 -18.89 -3.60 -9.49
C MET A 3 -17.63 -3.54 -8.61
N ALA A 4 -16.48 -3.80 -9.17
CA ALA A 4 -15.23 -3.76 -8.37
C ALA A 4 -14.94 -2.31 -7.95
N MET A 5 -13.94 -2.11 -7.13
CA MET A 5 -13.62 -0.73 -6.69
C MET A 5 -14.86 -0.08 -6.06
N SER A 6 -15.74 -0.87 -5.50
CA SER A 6 -16.96 -0.30 -4.87
C SER A 6 -16.62 0.24 -3.48
N GLN A 7 -15.70 -0.38 -2.81
CA GLN A 7 -15.32 0.10 -1.45
C GLN A 7 -14.00 -0.55 -1.02
N SER A 8 -13.14 -0.83 -1.96
CA SER A 8 -11.84 -1.47 -1.61
C SER A 8 -10.75 -0.40 -1.58
N ASN A 9 -11.09 0.81 -1.23
CA ASN A 9 -10.06 1.89 -1.18
C ASN A 9 -9.96 2.43 0.24
N ARG A 10 -11.07 2.83 0.81
CA ARG A 10 -11.05 3.38 2.19
C ARG A 10 -10.47 2.31 3.14
N GLU A 11 -10.90 1.09 3.00
CA GLU A 11 -10.38 0.02 3.89
C GLU A 11 -9.13 -0.62 3.26
N LEU A 12 -8.58 -0.04 2.23
CA LEU A 12 -7.36 -0.63 1.61
C LEU A 12 -6.15 -0.17 2.41
N VAL A 13 -6.14 1.09 2.77
CA VAL A 13 -5.01 1.63 3.56
C VAL A 13 -5.12 1.13 5.01
N VAL A 14 -6.31 0.88 5.48
CA VAL A 14 -6.46 0.39 6.88
C VAL A 14 -6.07 -1.08 6.93
N ASP A 15 -6.36 -1.82 5.90
CA ASP A 15 -6.01 -3.27 5.90
C ASP A 15 -4.49 -3.40 5.96
N PHE A 16 -3.79 -2.74 5.06
CA PHE A 16 -2.31 -2.83 5.07
C PHE A 16 -1.78 -2.14 6.33
N LEU A 17 -2.42 -1.08 6.74
CA LEU A 17 -1.97 -0.36 7.97
C LEU A 17 -1.95 -1.34 9.15
N SER A 18 -3.07 -1.94 9.45
CA SER A 18 -3.13 -2.90 10.59
C SER A 18 -2.05 -3.97 10.42
N TYR A 19 -1.81 -4.40 9.21
CA TYR A 19 -0.78 -5.45 8.99
C TYR A 19 0.57 -4.94 9.49
N LYS A 20 0.83 -3.66 9.37
CA LYS A 20 2.12 -3.11 9.84
C LYS A 20 2.02 -2.71 11.32
N LEU A 21 0.85 -2.31 11.75
CA LEU A 21 0.68 -1.91 13.18
C LEU A 21 0.74 -3.15 14.08
N SER A 22 0.02 -4.18 13.72
CA SER A 22 0.04 -5.42 14.55
C SER A 22 1.47 -5.90 14.75
N GLN A 23 2.34 -5.58 13.82
CA GLN A 23 3.76 -6.01 13.96
C GLN A 23 4.41 -5.28 15.14
N LYS A 24 3.96 -4.08 15.42
CA LYS A 24 4.54 -3.32 16.55
C LYS A 24 3.72 -3.58 17.82
N GLY A 25 2.46 -3.88 17.67
CA GLY A 25 1.62 -4.15 18.87
C GLY A 25 0.74 -2.93 19.15
N TYR A 26 0.30 -2.27 18.13
CA TYR A 26 -0.56 -1.06 18.33
C TYR A 26 -2.01 -1.39 17.93
N SER A 27 -2.20 -2.34 17.06
CA SER A 27 -3.58 -2.70 16.64
C SER A 27 -4.20 -1.53 15.87
N TRP A 28 -5.50 -1.47 15.79
CA TRP A 28 -6.16 -0.35 15.04
C TRP A 28 -7.50 -0.01 15.69
N SER A 29 -8.27 -1.00 16.04
CA SER A 29 -9.60 -0.73 16.68
C SER A 29 -9.39 0.16 17.91
N GLN A 30 -8.27 0.04 18.56
CA GLN A 30 -8.02 0.89 19.77
C GLN A 30 -7.55 2.29 19.36
N PHE A 31 -7.22 2.50 18.11
CA PHE A 31 -6.76 3.86 17.68
C PHE A 31 -7.82 4.90 18.06
N SER A 32 -8.91 4.93 17.34
CA SER A 32 -9.97 5.92 17.65
C SER A 32 -11.12 5.24 18.41
N ASP A 33 -10.82 4.18 19.12
CA ASP A 33 -11.89 3.46 19.89
C ASP A 33 -12.96 2.94 18.94
N VAL A 34 -13.94 3.75 18.66
CA VAL A 34 -15.06 3.37 17.75
C VAL A 34 -15.81 2.16 18.29
N GLU A 35 -17.10 2.19 18.13
CA GLU A 35 -17.94 1.06 18.62
C GLU A 35 -17.41 -0.24 18.02
N GLU A 36 -17.17 -1.23 18.84
CA GLU A 36 -16.66 -2.53 18.32
C GLU A 36 -17.81 -3.52 18.14
N ASN A 37 -18.30 -3.64 16.94
CA ASN A 37 -19.42 -4.59 16.69
C ASN A 37 -19.01 -5.99 17.14
N ARG A 38 -18.23 -6.68 16.34
CA ARG A 38 -17.79 -8.05 16.72
C ARG A 38 -17.03 -8.68 15.56
N THR A 39 -17.73 -9.17 14.57
CA THR A 39 -17.05 -9.80 13.40
C THR A 39 -16.33 -11.08 13.85
N GLU A 40 -17.08 -12.10 14.17
CA GLU A 40 -16.45 -13.37 14.62
C GLU A 40 -16.11 -14.23 13.39
N ALA A 41 -17.11 -14.67 12.67
CA ALA A 41 -16.86 -15.50 11.47
C ALA A 41 -17.91 -15.18 10.40
N PRO A 42 -17.91 -13.94 9.97
CA PRO A 42 -18.84 -13.45 8.95
C PRO A 42 -18.45 -13.96 7.55
N GLU A 43 -17.32 -14.60 7.41
CA GLU A 43 -16.90 -15.13 6.07
C GLU A 43 -16.77 -13.94 5.09
N GLY A 44 -17.83 -13.58 4.41
CA GLY A 44 -17.74 -12.44 3.46
C GLY A 44 -17.22 -12.94 2.10
N THR A 45 -15.92 -13.10 1.99
CA THR A 45 -15.34 -13.58 0.71
C THR A 45 -13.80 -13.61 0.84
N GLU A 46 -13.23 -12.68 1.57
CA GLU A 46 -11.74 -12.60 1.78
C GLU A 46 -10.97 -13.11 0.57
N SER A 47 -11.34 -12.69 -0.60
CA SER A 47 -10.64 -13.14 -1.83
C SER A 47 -9.86 -11.97 -2.43
N GLU A 48 -9.39 -11.07 -1.60
CA GLU A 48 -8.61 -9.91 -2.12
C GLU A 48 -7.14 -10.31 -2.26
N ALA A 49 -6.50 -9.86 -3.30
CA ALA A 49 -5.06 -10.21 -3.50
C ALA A 49 -4.18 -8.97 -3.36
N VAL A 50 -4.72 -7.81 -3.62
CA VAL A 50 -3.92 -6.56 -3.51
C VAL A 50 -3.31 -6.48 -2.10
N LYS A 51 -4.03 -6.92 -1.10
CA LYS A 51 -3.49 -6.87 0.28
C LYS A 51 -2.23 -7.75 0.37
N GLN A 52 -2.34 -8.98 -0.05
CA GLN A 52 -1.15 -9.89 0.01
C GLN A 52 -0.01 -9.30 -0.83
N ALA A 53 -0.29 -8.95 -2.05
CA ALA A 53 0.77 -8.37 -2.92
C ALA A 53 1.39 -7.15 -2.23
N LEU A 54 0.59 -6.24 -1.77
CA LEU A 54 1.13 -5.03 -1.08
C LEU A 54 2.05 -5.46 0.06
N ARG A 55 1.80 -6.61 0.63
CA ARG A 55 2.67 -7.08 1.75
C ARG A 55 4.07 -7.38 1.22
N GLU A 56 4.19 -8.37 0.36
CA GLU A 56 5.54 -8.71 -0.19
C GLU A 56 6.13 -7.47 -0.88
N ALA A 57 5.42 -6.91 -1.82
CA ALA A 57 5.93 -5.71 -2.53
C ALA A 57 6.30 -4.62 -1.53
N GLY A 58 5.65 -4.61 -0.39
CA GLY A 58 5.95 -3.58 0.64
C GLY A 58 7.46 -3.58 0.93
N ASP A 59 7.95 -4.65 1.50
CA ASP A 59 9.41 -4.72 1.82
C ASP A 59 10.21 -4.64 0.51
N GLU A 60 9.62 -5.05 -0.59
CA GLU A 60 10.35 -5.01 -1.89
C GLU A 60 10.90 -3.60 -2.13
N PHE A 61 10.03 -2.62 -2.24
CA PHE A 61 10.51 -1.23 -2.48
C PHE A 61 11.53 -0.85 -1.41
N GLU A 62 11.34 -1.31 -0.19
CA GLU A 62 12.30 -0.97 0.89
C GLU A 62 13.59 -1.75 0.68
N LEU A 63 14.32 -1.45 -0.36
CA LEU A 63 15.60 -2.17 -0.62
C LEU A 63 16.30 -1.54 -1.83
N ARG A 64 15.55 -1.17 -2.84
CA ARG A 64 16.17 -0.56 -4.05
C ARG A 64 16.07 0.97 -3.94
N TYR A 65 15.02 1.46 -3.35
CA TYR A 65 14.88 2.94 -3.22
C TYR A 65 15.37 3.39 -1.84
N ARG A 66 16.64 3.25 -1.57
CA ARG A 66 17.16 3.66 -0.24
C ARG A 66 17.39 5.18 -0.23
N ARG A 67 17.75 5.74 -1.35
CA ARG A 67 17.99 7.21 -1.39
C ARG A 67 16.65 7.92 -1.63
N ALA A 68 15.76 7.31 -2.38
CA ALA A 68 14.44 7.96 -2.64
C ALA A 68 13.60 7.96 -1.36
N PHE A 69 13.86 7.06 -0.45
CA PHE A 69 13.08 7.03 0.82
C PHE A 69 13.82 7.79 1.92
N SER A 70 14.54 8.82 1.56
CA SER A 70 15.29 9.59 2.59
C SER A 70 14.70 10.99 2.71
N ASP A 71 14.25 11.55 1.61
CA ASP A 71 13.66 12.91 1.65
C ASP A 71 12.15 12.83 1.48
N LEU A 72 11.56 11.75 1.93
CA LEU A 72 10.08 11.61 1.80
C LEU A 72 9.42 11.85 3.15
N THR A 73 10.08 11.50 4.21
CA THR A 73 9.49 11.71 5.57
C THR A 73 10.10 12.96 6.20
N SER A 74 11.32 13.27 5.87
CA SER A 74 11.97 14.49 6.44
C SER A 74 11.11 15.72 6.15
N GLN A 75 10.41 15.71 5.05
CA GLN A 75 9.56 16.88 4.71
C GLN A 75 8.11 16.61 5.12
N LEU A 76 7.91 15.76 6.09
CA LEU A 76 6.53 15.46 6.54
C LEU A 76 6.48 15.41 8.07
N HIS A 77 7.16 16.31 8.71
CA HIS A 77 7.16 16.33 10.21
C HIS A 77 5.72 16.35 10.72
N ILE A 78 5.33 15.35 11.47
CA ILE A 78 3.93 15.32 12.00
C ILE A 78 3.77 16.41 13.05
N THR A 79 2.78 17.24 12.90
CA THR A 79 2.56 18.33 13.90
C THR A 79 1.17 18.94 13.68
N PRO A 80 0.72 19.67 14.67
CA PRO A 80 -0.59 20.33 14.64
C PRO A 80 -0.55 21.54 13.69
N GLY A 81 -0.42 21.28 12.42
CA GLY A 81 -0.37 22.40 11.43
C GLY A 81 -0.74 21.87 10.05
N THR A 82 0.19 21.24 9.38
CA THR A 82 -0.09 20.71 8.01
C THR A 82 -0.72 19.32 8.14
N ALA A 83 -1.05 18.70 7.05
CA ALA A 83 -1.66 17.35 7.10
C ALA A 83 -1.84 16.79 5.69
N TYR A 84 -2.85 17.25 4.99
CA TYR A 84 -3.08 16.75 3.60
C TYR A 84 -2.27 17.59 2.61
N GLN A 85 -2.04 18.84 2.93
CA GLN A 85 -1.25 19.70 2.01
C GLN A 85 0.14 19.12 1.79
N SER A 86 0.99 19.21 2.78
CA SER A 86 2.36 18.66 2.64
C SER A 86 2.29 17.18 2.25
N PHE A 87 1.37 16.45 2.83
CA PHE A 87 1.24 15.00 2.50
C PHE A 87 1.07 14.85 0.98
N GLU A 88 0.04 15.43 0.44
CA GLU A 88 -0.19 15.30 -1.03
C GLU A 88 1.04 15.80 -1.79
N GLN A 89 1.74 16.75 -1.23
CA GLN A 89 2.96 17.29 -1.93
C GLN A 89 4.03 16.20 -1.99
N VAL A 90 4.12 15.39 -0.97
CA VAL A 90 5.15 14.30 -0.98
C VAL A 90 4.66 13.14 -1.84
N VAL A 91 3.48 12.66 -1.57
CA VAL A 91 2.94 11.52 -2.38
C VAL A 91 2.97 11.89 -3.87
N ASN A 92 2.83 13.15 -4.18
CA ASN A 92 2.85 13.57 -5.62
C ASN A 92 4.18 13.17 -6.25
N GLU A 93 5.22 13.08 -5.48
CA GLU A 93 6.55 12.69 -6.05
C GLU A 93 6.42 11.38 -6.82
N LEU A 94 5.80 10.39 -6.22
CA LEU A 94 5.64 9.09 -6.92
C LEU A 94 4.52 9.18 -7.96
N PHE A 95 3.56 10.05 -7.74
CA PHE A 95 2.45 10.19 -8.73
C PHE A 95 2.68 11.46 -9.57
N ARG A 96 3.78 11.53 -10.26
CA ARG A 96 4.05 12.73 -11.10
C ARG A 96 4.51 12.29 -12.49
N ASP A 97 5.60 11.58 -12.56
CA ASP A 97 6.10 11.12 -13.90
C ASP A 97 4.99 10.37 -14.64
N GLY A 98 4.07 9.78 -13.91
CA GLY A 98 2.97 9.04 -14.58
C GLY A 98 2.48 7.93 -13.64
N VAL A 99 1.19 7.82 -13.46
CA VAL A 99 0.65 6.77 -12.57
C VAL A 99 1.14 5.40 -13.04
N ASN A 100 1.83 4.67 -12.20
CA ASN A 100 2.33 3.32 -12.61
C ASN A 100 2.10 2.34 -11.47
N TRP A 101 2.14 1.07 -11.76
CA TRP A 101 1.92 0.04 -10.70
C TRP A 101 2.91 0.29 -9.55
N GLY A 102 4.16 0.45 -9.86
CA GLY A 102 5.17 0.69 -8.79
C GLY A 102 4.83 1.98 -8.03
N ARG A 103 4.68 3.06 -8.74
CA ARG A 103 4.34 4.34 -8.06
C ARG A 103 3.07 4.16 -7.22
N ILE A 104 2.24 3.21 -7.57
CA ILE A 104 0.99 2.99 -6.78
C ILE A 104 1.26 2.04 -5.61
N VAL A 105 2.27 1.22 -5.70
CA VAL A 105 2.57 0.28 -4.58
C VAL A 105 3.41 1.00 -3.54
N ALA A 106 4.36 1.77 -3.98
CA ALA A 106 5.23 2.50 -3.04
C ALA A 106 4.41 3.53 -2.27
N PHE A 107 3.66 4.35 -2.96
CA PHE A 107 2.83 5.38 -2.27
C PHE A 107 2.00 4.69 -1.19
N PHE A 108 1.59 3.48 -1.44
CA PHE A 108 0.78 2.72 -0.44
C PHE A 108 1.59 2.56 0.84
N SER A 109 2.71 1.89 0.76
CA SER A 109 3.55 1.69 1.97
C SER A 109 3.98 3.05 2.54
N PHE A 110 4.16 4.02 1.69
CA PHE A 110 4.59 5.36 2.18
C PHE A 110 3.56 5.89 3.18
N GLY A 111 2.30 5.70 2.90
CA GLY A 111 1.24 6.19 3.83
C GLY A 111 1.18 5.29 5.06
N GLY A 112 1.04 4.01 4.85
CA GLY A 112 0.96 3.06 6.01
C GLY A 112 2.18 3.27 6.91
N ALA A 113 3.29 3.66 6.36
CA ALA A 113 4.51 3.86 7.19
C ALA A 113 4.38 5.19 7.96
N LEU A 114 3.85 6.20 7.33
CA LEU A 114 3.70 7.51 8.03
C LEU A 114 2.82 7.33 9.26
N CYS A 115 1.91 6.41 9.22
CA CYS A 115 1.02 6.20 10.41
C CYS A 115 1.73 5.30 11.42
N VAL A 116 2.40 4.28 10.97
CA VAL A 116 3.12 3.37 11.91
C VAL A 116 4.06 4.20 12.78
N GLU A 117 4.57 5.29 12.27
CA GLU A 117 5.50 6.13 13.08
C GLU A 117 4.70 7.02 14.02
N SER A 118 3.75 7.74 13.50
CA SER A 118 2.93 8.64 14.37
C SER A 118 2.32 7.82 15.51
N VAL A 119 1.93 6.61 15.24
CA VAL A 119 1.34 5.76 16.31
C VAL A 119 2.44 5.17 17.17
N ASP A 120 3.61 4.97 16.62
CA ASP A 120 4.73 4.39 17.42
C ASP A 120 5.02 5.29 18.62
N LYS A 121 5.00 6.58 18.43
CA LYS A 121 5.28 7.51 19.57
C LYS A 121 4.08 7.53 20.51
N GLU A 122 3.03 8.22 20.14
CA GLU A 122 1.83 8.27 21.02
C GLU A 122 0.74 9.10 20.33
N MET A 123 0.61 8.97 19.04
CA MET A 123 -0.43 9.76 18.32
C MET A 123 -1.31 8.79 17.51
N GLN A 124 -2.27 8.19 18.15
CA GLN A 124 -3.16 7.24 17.43
C GLN A 124 -4.47 7.96 17.07
N VAL A 125 -4.41 9.24 16.86
CA VAL A 125 -5.65 10.00 16.50
C VAL A 125 -5.56 10.48 15.05
N LEU A 126 -4.37 10.68 14.55
CA LEU A 126 -4.22 11.15 13.15
C LEU A 126 -4.08 9.95 12.20
N VAL A 127 -4.41 8.77 12.65
CA VAL A 127 -4.28 7.58 11.75
C VAL A 127 -5.41 7.61 10.71
N SER A 128 -6.60 7.92 11.13
CA SER A 128 -7.74 7.97 10.16
C SER A 128 -7.54 9.14 9.21
N ARG A 129 -6.93 10.20 9.68
CA ARG A 129 -6.71 11.38 8.79
C ARG A 129 -5.77 10.99 7.65
N ILE A 130 -4.63 10.42 7.96
CA ILE A 130 -3.68 10.02 6.88
C ILE A 130 -4.31 8.91 6.05
N ALA A 131 -4.81 7.88 6.69
CA ALA A 131 -5.45 6.76 5.93
C ALA A 131 -6.56 7.32 5.04
N ALA A 132 -7.19 8.37 5.46
CA ALA A 132 -8.30 8.96 4.65
C ALA A 132 -7.70 9.67 3.43
N TRP A 133 -6.64 10.41 3.62
CA TRP A 133 -6.02 11.12 2.47
C TRP A 133 -5.70 10.12 1.37
N MET A 134 -5.07 9.04 1.70
CA MET A 134 -4.72 8.02 0.67
C MET A 134 -5.99 7.33 0.18
N ALA A 135 -6.98 7.21 1.04
CA ALA A 135 -8.24 6.55 0.63
C ALA A 135 -8.90 7.35 -0.49
N THR A 136 -8.88 8.65 -0.39
CA THR A 136 -9.50 9.49 -1.46
C THR A 136 -8.61 9.46 -2.71
N TYR A 137 -7.33 9.57 -2.54
CA TYR A 137 -6.40 9.55 -3.72
C TYR A 137 -6.66 8.29 -4.54
N LEU A 138 -7.05 7.21 -3.90
CA LEU A 138 -7.31 5.95 -4.63
C LEU A 138 -8.80 5.87 -4.99
N ASN A 139 -9.65 6.51 -4.23
CA ASN A 139 -11.10 6.47 -4.53
C ASN A 139 -11.35 6.97 -5.95
N ASP A 140 -10.90 8.15 -6.27
CA ASP A 140 -11.12 8.68 -7.65
C ASP A 140 -9.87 9.43 -8.15
N HIS A 141 -8.76 9.28 -7.48
CA HIS A 141 -7.53 9.99 -7.94
C HIS A 141 -6.49 8.96 -8.39
N LEU A 142 -6.92 7.83 -8.87
CA LEU A 142 -5.96 6.79 -9.34
C LEU A 142 -6.70 5.60 -9.92
N GLU A 143 -7.83 5.24 -9.34
CA GLU A 143 -8.62 4.08 -9.85
C GLU A 143 -8.77 4.16 -11.38
N PRO A 144 -9.22 5.28 -11.89
CA PRO A 144 -9.40 5.47 -13.33
C PRO A 144 -8.14 5.00 -14.09
N TRP A 145 -7.00 5.06 -13.47
CA TRP A 145 -5.76 4.62 -14.16
C TRP A 145 -5.50 3.14 -13.84
N ILE A 146 -5.85 2.71 -12.66
CA ILE A 146 -5.63 1.29 -12.29
C ILE A 146 -6.34 0.37 -13.30
N GLN A 147 -7.42 0.84 -13.88
CA GLN A 147 -8.14 0.00 -14.88
C GLN A 147 -7.61 0.29 -16.28
N GLU A 148 -7.21 1.51 -16.54
CA GLU A 148 -6.67 1.84 -17.89
C GLU A 148 -5.46 0.96 -18.20
N ASN A 149 -4.70 0.62 -17.20
CA ASN A 149 -3.50 -0.24 -17.44
C ASN A 149 -3.93 -1.72 -17.52
N GLY A 150 -4.78 -2.15 -16.62
CA GLY A 150 -5.23 -3.56 -16.66
C GLY A 150 -6.07 -3.85 -15.42
N GLY A 151 -5.56 -3.55 -14.25
CA GLY A 151 -6.33 -3.80 -13.00
C GLY A 151 -5.40 -4.37 -11.94
N TRP A 152 -5.83 -4.35 -10.70
CA TRP A 152 -4.96 -4.89 -9.60
C TRP A 152 -4.52 -6.32 -9.94
N ASP A 153 -5.38 -7.08 -10.56
CA ASP A 153 -5.02 -8.48 -10.92
C ASP A 153 -3.71 -8.50 -11.70
N THR A 154 -3.37 -7.43 -12.37
CA THR A 154 -2.10 -7.40 -13.14
C THR A 154 -0.90 -7.30 -12.19
N PHE A 155 -0.82 -6.25 -11.42
CA PHE A 155 0.33 -6.11 -10.48
C PHE A 155 0.29 -7.22 -9.44
N VAL A 156 -0.88 -7.71 -9.13
CA VAL A 156 -0.98 -8.80 -8.11
C VAL A 156 -0.64 -10.15 -8.75
N GLU A 157 -0.84 -10.27 -10.04
CA GLU A 157 -0.53 -11.56 -10.73
C GLU A 157 0.93 -11.58 -11.16
N LEU A 158 1.48 -10.43 -11.45
CA LEU A 158 2.91 -10.37 -11.89
C LEU A 158 3.83 -10.71 -10.71
N TYR A 159 3.39 -10.45 -9.50
CA TYR A 159 4.25 -10.75 -8.32
C TYR A 159 3.41 -11.43 -7.25
N GLY A 160 2.23 -10.94 -6.97
CA GLY A 160 1.38 -11.56 -5.92
C GLY A 160 1.19 -13.05 -6.24
N ASN A 161 1.96 -13.91 -5.62
CA ASN A 161 1.83 -15.36 -5.88
C ASN A 161 2.37 -16.15 -4.69
N ASN A 162 2.31 -17.46 -4.75
CA ASN A 162 2.82 -18.27 -3.62
C ASN A 162 4.34 -18.14 -3.55
N ALA A 163 5.01 -18.25 -4.66
CA ALA A 163 6.50 -18.13 -4.64
C ALA A 163 7.04 -18.28 -6.07
N ALA A 164 6.46 -19.14 -6.85
CA ALA A 164 6.96 -19.32 -8.25
C ALA A 164 6.50 -18.14 -9.10
N ALA A 165 5.28 -18.16 -9.58
CA ALA A 165 4.78 -17.03 -10.41
C ALA A 165 5.75 -16.80 -11.58
N GLU A 166 6.44 -17.82 -12.01
CA GLU A 166 7.39 -17.64 -13.14
C GLU A 166 8.37 -16.51 -12.81
N SER A 167 9.08 -16.62 -11.72
CA SER A 167 10.04 -15.56 -11.34
C SER A 167 11.02 -15.32 -12.50
N ARG A 168 11.68 -14.19 -12.50
CA ARG A 168 12.64 -13.90 -13.60
C ARG A 168 13.81 -13.08 -13.04
N LYS A 169 14.15 -13.27 -11.80
CA LYS A 169 15.27 -12.51 -11.20
C LYS A 169 16.58 -12.91 -11.87
N GLY A 170 16.88 -12.34 -13.00
CA GLY A 170 18.15 -12.69 -13.70
C GLY A 170 18.21 -14.21 -13.92
N GLN A 171 17.08 -14.83 -14.11
CA GLN A 171 17.07 -16.31 -14.32
C GLN A 171 17.49 -16.62 -15.75
N GLU A 172 18.69 -16.28 -16.11
CA GLU A 172 19.16 -16.55 -17.50
C GLU A 172 20.37 -17.49 -17.45
N ARG A 173 20.22 -18.63 -16.82
CA ARG A 173 21.36 -19.58 -16.73
C ARG A 173 20.96 -20.93 -17.33
N LEU A 174 19.76 -21.37 -17.05
CA LEU A 174 19.30 -22.69 -17.61
C LEU A 174 19.43 -22.69 -19.14
N GLU A 175 18.36 -22.44 -19.87
CA GLU A 175 18.43 -22.43 -21.38
C GLU A 175 19.17 -23.67 -21.91
N HIS A 176 19.20 -24.74 -21.14
CA HIS A 176 19.89 -25.98 -21.61
C HIS A 176 21.39 -25.68 -21.86
N HIS A 177 21.90 -24.59 -21.35
CA HIS A 177 23.34 -24.25 -21.55
C HIS A 177 23.74 -24.38 -23.03
N HIS A 178 22.81 -24.29 -23.95
CA HIS A 178 23.16 -24.40 -25.40
C HIS A 178 21.89 -24.47 -26.25
N HIS A 179 20.98 -23.56 -26.08
CA HIS A 179 19.72 -23.60 -26.90
C HIS A 179 19.30 -22.18 -27.31
N HIS A 180 20.14 -21.20 -27.14
CA HIS A 180 19.76 -19.82 -27.52
C HIS A 180 20.79 -19.24 -28.49
N HIS A 181 21.44 -20.09 -29.24
CA HIS A 181 22.47 -19.59 -30.21
C HIS A 181 23.50 -18.72 -29.46
#